data_4RG8
#
_entry.id   4RG8
#
_cell.length_a   60.967
_cell.length_b   97.020
_cell.length_c   111.411
_cell.angle_alpha   90.00
_cell.angle_beta   90.00
_cell.angle_gamma   90.00
#
_symmetry.space_group_name_H-M   'P 21 21 21'
#
loop_
_entity.id
_entity.type
_entity.pdbx_description
1 polymer 'Exonuclease I'
2 non-polymer 'MAGNESIUM ION'
3 water water
#
_entity_poly.entity_id   1
_entity_poly.type   'polypeptide(L)'
_entity_poly.pdbx_seq_one_letter_code
;MSAWSHPQFEKGGGSGGGSGGSAWSHPQFEKSGGGGGENLYFQGMSSCCSLYWYDYETFGTDPRRDRPAQFAGIRTDLEL
NPIGEPVTLFCKPARDVLPVPEACLITGITPQMAAERGLKEAEFITRIHEQFSVPGTCVAGYNNIRFDDEVTRHCLYRNL
FDPYEREWRNGNSRWDIIDMLRLTRALRPEGIEWPVDGSGKPSLRLEALTVANGIQHENAHDALADVRATIAVARLVRER
QPKLFNFVFANRGKREAFELLRFGAMQPVLHVSEKYASDRYCLAVVVALARHPRNPNGVVVYDLSVDPTPLIDLNAEDLR
ERLFTPASKLPPGVERIALKTVHLNKCPVIAPLTALRSQDTERLQIDLDRCNRHLDRLKREWTLPKKIREAMTYNGPETD
TDDPDLMLYDGFLGDADRAVLKWLRGLTPDELARAQPSFEDARLPELLFRYRARNFPETLTPEETARWEAYRIRRLTVEG
CGGSIVLNEYLARIEALEASPDLSAKDREILKNLREYAREIIS
;
_entity_poly.pdbx_strand_id   A
#
# COMPACT_ATOMS: atom_id res chain seq x y z
N CYS A 48 22.53 13.26 -7.74
CA CYS A 48 23.06 11.95 -7.26
C CYS A 48 21.98 11.15 -6.53
N CYS A 49 21.16 10.46 -7.30
CA CYS A 49 20.00 9.76 -6.79
C CYS A 49 20.21 8.24 -6.80
N SER A 50 19.40 7.53 -6.03
CA SER A 50 19.42 6.06 -6.02
C SER A 50 18.02 5.49 -5.86
N LEU A 51 17.92 4.19 -6.08
CA LEU A 51 16.68 3.44 -5.88
C LEU A 51 16.88 2.49 -4.71
N TYR A 52 16.02 2.58 -3.70
CA TYR A 52 16.05 1.63 -2.58
C TYR A 52 14.85 0.69 -2.64
N TRP A 53 15.11 -0.57 -2.98
CA TRP A 53 14.06 -1.57 -3.15
C TRP A 53 13.82 -2.30 -1.85
N TYR A 54 12.55 -2.47 -1.47
CA TYR A 54 12.23 -3.13 -0.21
C TYR A 54 10.92 -3.90 -0.20
N ASP A 55 10.77 -4.71 0.85
CA ASP A 55 9.58 -5.51 1.08
C ASP A 55 9.50 -5.87 2.56
N TYR A 56 8.28 -5.94 3.10
CA TYR A 56 8.04 -6.51 4.42
C TYR A 56 7.50 -7.93 4.31
N GLU A 57 7.72 -8.71 5.37
CA GLU A 57 6.84 -9.79 5.72
C GLU A 57 6.18 -9.33 7.01
N THR A 58 4.86 -9.47 7.09
CA THR A 58 4.11 -8.96 8.24
C THR A 58 3.33 -10.06 8.94
N PHE A 59 2.76 -9.73 10.10
CA PHE A 59 1.96 -10.68 10.86
C PHE A 59 0.48 -10.65 10.47
N GLY A 60 0.16 -9.95 9.38
CA GLY A 60 -1.21 -9.93 8.86
C GLY A 60 -1.36 -8.97 7.66
N THR A 61 -2.51 -9.03 7.00
CA THR A 61 -2.72 -8.28 5.76
C THR A 61 -3.35 -6.91 5.95
N ASP A 62 -3.54 -6.48 7.20
CA ASP A 62 -4.11 -5.18 7.49
C ASP A 62 -2.97 -4.22 7.87
N PRO A 63 -2.54 -3.34 6.94
CA PRO A 63 -1.39 -2.46 7.20
C PRO A 63 -1.62 -1.53 8.37
N ARG A 64 -2.88 -1.15 8.58
CA ARG A 64 -3.28 -0.28 9.65
C ARG A 64 -3.06 -0.91 11.04
N ARG A 65 -3.35 -2.21 11.17
CA ARG A 65 -3.34 -2.89 12.48
C ARG A 65 -2.26 -3.95 12.69
N ASP A 66 -1.87 -4.64 11.61
CA ASP A 66 -0.93 -5.77 11.71
C ASP A 66 0.49 -5.30 11.51
N ARG A 67 1.36 -5.68 12.43
CA ARG A 67 2.72 -5.12 12.50
C ARG A 67 3.71 -5.90 11.65
N PRO A 68 4.84 -5.26 11.27
CA PRO A 68 5.85 -5.94 10.47
C PRO A 68 6.67 -6.96 11.26
N ALA A 69 7.13 -8.00 10.58
CA ALA A 69 7.97 -9.04 11.19
C ALA A 69 9.38 -9.06 10.63
N GLN A 70 9.51 -8.83 9.33
CA GLN A 70 10.78 -8.84 8.65
C GLN A 70 10.81 -7.71 7.63
N PHE A 71 12.01 -7.18 7.40
CA PHE A 71 12.26 -6.17 6.38
C PHE A 71 13.46 -6.62 5.57
N ALA A 72 13.35 -6.50 4.25
CA ALA A 72 14.50 -6.70 3.36
C ALA A 72 14.68 -5.46 2.48
N GLY A 73 15.93 -5.04 2.31
CA GLY A 73 16.26 -3.86 1.53
C GLY A 73 17.55 -3.99 0.71
N ILE A 74 17.51 -3.48 -0.51
CA ILE A 74 18.66 -3.47 -1.41
C ILE A 74 18.66 -2.15 -2.18
N ARG A 75 19.74 -1.38 -2.03
CA ARG A 75 19.91 -0.13 -2.76
C ARG A 75 20.58 -0.40 -4.09
N THR A 76 20.13 0.27 -5.15
CA THR A 76 20.79 0.21 -6.45
C THR A 76 20.98 1.61 -7.03
N ASP A 77 21.91 1.73 -7.97
CA ASP A 77 22.00 2.94 -8.79
C ASP A 77 20.83 2.95 -9.77
N LEU A 78 20.77 3.95 -10.65
CA LEU A 78 19.68 4.03 -11.62
C LEU A 78 19.82 3.06 -12.79
N GLU A 79 20.94 2.34 -12.87
CA GLU A 79 21.08 1.21 -13.81
C GLU A 79 20.55 -0.11 -13.22
N LEU A 80 20.13 -0.07 -11.95
CA LEU A 80 19.63 -1.23 -11.21
C LEU A 80 20.75 -2.21 -10.81
N ASN A 81 21.98 -1.69 -10.68
CA ASN A 81 23.10 -2.47 -10.14
C ASN A 81 23.28 -2.14 -8.67
N PRO A 82 23.36 -3.16 -7.81
CA PRO A 82 23.40 -2.91 -6.37
C PRO A 82 24.52 -1.99 -5.90
N ILE A 83 24.26 -1.28 -4.80
CA ILE A 83 25.24 -0.44 -4.12
C ILE A 83 25.28 -0.92 -2.68
N GLY A 84 26.47 -1.30 -2.21
CA GLY A 84 26.61 -1.75 -0.82
C GLY A 84 25.94 -3.09 -0.59
N GLU A 85 25.65 -3.39 0.67
CA GLU A 85 25.14 -4.70 1.07
C GLU A 85 23.63 -4.67 1.26
N PRO A 86 22.96 -5.83 1.05
CA PRO A 86 21.55 -5.92 1.42
C PRO A 86 21.37 -5.78 2.91
N VAL A 87 20.24 -5.21 3.33
CA VAL A 87 19.87 -5.13 4.73
C VAL A 87 18.75 -6.13 4.99
N THR A 88 18.85 -6.88 6.09
CA THR A 88 17.80 -7.80 6.51
C THR A 88 17.59 -7.69 8.03
N LEU A 89 16.36 -7.40 8.43
CA LEU A 89 16.06 -7.13 9.83
C LEU A 89 14.78 -7.83 10.25
N PHE A 90 14.76 -8.30 11.49
CA PHE A 90 13.53 -8.77 12.10
C PHE A 90 13.08 -7.72 13.12
N CYS A 91 11.78 -7.68 13.36
CA CYS A 91 11.18 -6.76 14.31
C CYS A 91 10.56 -7.56 15.44
N LYS A 92 10.99 -7.28 16.68
CA LYS A 92 10.44 -7.98 17.83
C LYS A 92 9.00 -7.54 17.98
N PRO A 93 8.08 -8.49 18.24
CA PRO A 93 6.71 -8.08 18.49
C PRO A 93 6.56 -7.54 19.91
N ALA A 94 6.03 -6.33 20.03
CA ALA A 94 5.71 -5.78 21.36
C ALA A 94 4.68 -6.67 22.02
N ARG A 95 4.53 -6.54 23.33
CA ARG A 95 3.70 -7.48 24.09
C ARG A 95 2.20 -7.17 24.05
N ASP A 96 1.78 -6.35 23.09
CA ASP A 96 0.35 -6.17 22.78
C ASP A 96 0.01 -6.74 21.39
N VAL A 97 0.94 -7.52 20.83
CA VAL A 97 0.79 -8.05 19.47
C VAL A 97 0.25 -9.48 19.46
N LEU A 98 -0.82 -9.68 18.68
CA LEU A 98 -1.35 -11.00 18.39
C LEU A 98 -1.35 -11.21 16.87
N PRO A 99 -0.42 -12.04 16.37
CA PRO A 99 -0.31 -12.23 14.92
C PRO A 99 -1.44 -13.07 14.35
N VAL A 100 -1.64 -12.98 13.05
CA VAL A 100 -2.65 -13.76 12.36
C VAL A 100 -2.03 -15.13 12.03
N PRO A 101 -2.66 -16.22 12.50
CA PRO A 101 -2.08 -17.56 12.30
C PRO A 101 -1.72 -17.89 10.85
N GLU A 102 -2.62 -17.59 9.92
CA GLU A 102 -2.41 -17.93 8.51
C GLU A 102 -1.18 -17.24 7.91
N ALA A 103 -0.94 -15.99 8.33
CA ALA A 103 0.21 -15.22 7.86
C ALA A 103 1.53 -15.85 8.29
N CYS A 104 1.60 -16.29 9.54
CA CYS A 104 2.78 -16.99 10.05
C CYS A 104 3.05 -18.29 9.29
N LEU A 105 2.00 -18.98 8.87
CA LEU A 105 2.16 -20.18 8.05
C LEU A 105 2.70 -19.83 6.66
N ILE A 106 2.19 -18.75 6.08
CA ILE A 106 2.68 -18.31 4.77
C ILE A 106 4.13 -17.81 4.83
N THR A 107 4.47 -17.04 5.86
CA THR A 107 5.82 -16.48 5.98
C THR A 107 6.83 -17.46 6.58
N GLY A 108 6.34 -18.38 7.41
CA GLY A 108 7.21 -19.24 8.20
C GLY A 108 7.80 -18.54 9.44
N ILE A 109 7.30 -17.34 9.73
CA ILE A 109 7.84 -16.53 10.83
C ILE A 109 6.89 -16.51 12.02
N THR A 110 7.37 -17.05 13.15
CA THR A 110 6.63 -17.01 14.40
C THR A 110 7.00 -15.77 15.18
N PRO A 111 6.15 -15.39 16.16
CA PRO A 111 6.55 -14.30 17.06
C PRO A 111 7.84 -14.62 17.84
N GLN A 112 8.08 -15.91 18.08
CA GLN A 112 9.30 -16.34 18.77
C GLN A 112 10.54 -16.10 17.92
N MET A 113 10.48 -16.45 16.63
CA MET A 113 11.60 -16.23 15.71
C MET A 113 11.95 -14.74 15.58
N ALA A 114 10.91 -13.91 15.52
CA ALA A 114 11.07 -12.47 15.39
C ALA A 114 11.67 -11.88 16.67
N ALA A 115 11.15 -12.31 17.81
CA ALA A 115 11.68 -11.88 19.11
C ALA A 115 13.15 -12.28 19.27
N GLU A 116 13.47 -13.50 18.82
CA GLU A 116 14.80 -14.05 18.99
C GLU A 116 15.83 -13.35 18.10
N ARG A 117 15.48 -13.09 16.84
CA ARG A 117 16.43 -12.51 15.88
C ARG A 117 16.27 -11.01 15.64
N GLY A 118 15.24 -10.39 16.21
CA GLY A 118 14.85 -9.04 15.80
C GLY A 118 15.36 -7.92 16.68
N LEU A 119 14.91 -6.71 16.36
CA LEU A 119 15.19 -5.50 17.12
C LEU A 119 13.88 -4.96 17.65
N LYS A 120 13.94 -4.11 18.67
CA LYS A 120 12.74 -3.43 19.16
C LYS A 120 12.19 -2.63 17.99
N GLU A 121 10.88 -2.38 17.97
CA GLU A 121 10.29 -1.70 16.83
C GLU A 121 10.93 -0.33 16.60
N ALA A 122 11.17 0.41 17.68
CA ALA A 122 11.82 1.71 17.60
C ALA A 122 13.12 1.63 16.81
N GLU A 123 13.99 0.68 17.15
CA GLU A 123 15.26 0.55 16.43
CA GLU A 123 15.27 0.49 16.46
C GLU A 123 15.07 -0.07 15.05
N PHE A 124 14.13 -1.00 14.92
CA PHE A 124 13.77 -1.59 13.63
C PHE A 124 13.45 -0.49 12.63
N ILE A 125 12.48 0.36 12.98
CA ILE A 125 12.00 1.40 12.08
C ILE A 125 13.02 2.55 11.92
N THR A 126 13.83 2.78 12.95
CA THR A 126 14.87 3.82 12.86
C THR A 126 15.92 3.45 11.82
N ARG A 127 16.29 2.16 11.77
CA ARG A 127 17.26 1.71 10.77
C ARG A 127 16.69 1.73 9.35
N ILE A 128 15.40 1.43 9.22
CA ILE A 128 14.74 1.52 7.92
C ILE A 128 14.68 2.99 7.52
N HIS A 129 14.24 3.84 8.44
CA HIS A 129 14.18 5.28 8.22
C HIS A 129 15.51 5.90 7.78
N GLU A 130 16.62 5.41 8.35
CA GLU A 130 17.96 5.84 7.95
C GLU A 130 18.23 5.58 6.47
N GLN A 131 17.93 4.36 6.04
CA GLN A 131 18.13 3.97 4.64
C GLN A 131 17.21 4.76 3.71
N PHE A 132 15.95 4.91 4.13
CA PHE A 132 14.93 5.58 3.32
C PHE A 132 15.19 7.08 3.14
N SER A 133 15.70 7.74 4.17
CA SER A 133 15.82 9.20 4.15
C SER A 133 17.17 9.71 3.65
N VAL A 134 18.07 8.82 3.22
CA VAL A 134 19.30 9.24 2.53
C VAL A 134 18.90 10.09 1.32
N PRO A 135 19.46 11.31 1.19
CA PRO A 135 19.03 12.23 0.13
C PRO A 135 19.09 11.61 -1.28
N GLY A 136 18.11 11.95 -2.10
CA GLY A 136 18.06 11.46 -3.49
C GLY A 136 17.58 10.01 -3.64
N THR A 137 17.07 9.42 -2.56
CA THR A 137 16.59 8.05 -2.61
C THR A 137 15.14 7.98 -3.08
N CYS A 138 14.91 7.22 -4.15
CA CYS A 138 13.56 6.81 -4.54
C CYS A 138 13.30 5.42 -3.95
N VAL A 139 12.38 5.32 -2.99
CA VAL A 139 12.05 4.05 -2.35
C VAL A 139 11.00 3.30 -3.17
N ALA A 140 11.35 2.10 -3.63
CA ALA A 140 10.47 1.36 -4.55
C ALA A 140 10.31 -0.11 -4.18
N GLY A 141 9.33 -0.74 -4.80
CA GLY A 141 8.98 -2.13 -4.52
C GLY A 141 7.98 -2.68 -5.51
N TYR A 142 7.30 -3.74 -5.10
CA TYR A 142 6.29 -4.41 -5.91
C TYR A 142 4.99 -4.43 -5.11
N ASN A 143 4.01 -3.66 -5.57
CA ASN A 143 2.79 -3.36 -4.79
C ASN A 143 3.04 -2.72 -3.41
N ASN A 144 4.17 -2.07 -3.27
CA ASN A 144 4.54 -1.37 -2.02
C ASN A 144 3.68 -0.16 -1.69
N ILE A 145 3.31 0.63 -2.70
CA ILE A 145 2.59 1.89 -2.45
C ILE A 145 1.27 1.66 -1.73
N ARG A 146 0.54 0.64 -2.14
CA ARG A 146 -0.76 0.37 -1.55
C ARG A 146 -0.74 -0.67 -0.43
N PHE A 147 0.45 -1.13 0.00
CA PHE A 147 0.56 -2.01 1.18
C PHE A 147 1.78 -1.72 2.07
N ASP A 148 2.97 -2.08 1.62
CA ASP A 148 4.19 -1.93 2.42
C ASP A 148 4.43 -0.49 2.88
N ASP A 149 4.18 0.48 2.00
CA ASP A 149 4.33 1.90 2.34
C ASP A 149 3.34 2.34 3.41
N GLU A 150 2.14 1.77 3.40
CA GLU A 150 1.16 2.03 4.47
C GLU A 150 1.67 1.46 5.79
N VAL A 151 2.27 0.28 5.74
CA VAL A 151 2.89 -0.32 6.92
C VAL A 151 4.00 0.60 7.43
N THR A 152 4.82 1.10 6.51
CA THR A 152 5.86 2.04 6.86
C THR A 152 5.30 3.32 7.49
N ARG A 153 4.30 3.93 6.85
CA ARG A 153 3.70 5.16 7.39
C ARG A 153 3.17 4.99 8.81
N HIS A 154 2.42 3.91 9.03
CA HIS A 154 1.87 3.64 10.36
C HIS A 154 2.96 3.34 11.38
N CYS A 155 4.02 2.66 10.95
CA CYS A 155 5.13 2.32 11.84
C CYS A 155 5.92 3.56 12.25
N LEU A 156 6.22 4.43 11.29
CA LEU A 156 6.89 5.70 11.58
C LEU A 156 6.04 6.53 12.54
N TYR A 157 4.76 6.62 12.23
CA TYR A 157 3.77 7.33 13.03
C TYR A 157 3.79 6.92 14.50
N ARG A 158 3.65 5.62 14.76
CA ARG A 158 3.69 5.09 16.13
C ARG A 158 5.02 5.35 16.85
N ASN A 159 6.11 5.41 16.10
CA ASN A 159 7.42 5.60 16.69
C ASN A 159 7.97 7.04 16.61
N LEU A 160 7.04 8.00 16.59
CA LEU A 160 7.36 9.42 16.78
C LEU A 160 8.12 10.07 15.63
N PHE A 161 8.09 9.44 14.45
CA PHE A 161 8.65 10.05 13.25
C PHE A 161 7.52 10.72 12.49
N ASP A 162 7.86 11.67 11.63
CA ASP A 162 6.91 12.17 10.65
C ASP A 162 6.69 11.06 9.64
N PRO A 163 5.43 10.71 9.36
CA PRO A 163 5.18 9.57 8.46
C PRO A 163 5.56 9.80 7.00
N TYR A 164 5.72 11.06 6.58
CA TYR A 164 5.89 11.38 5.16
C TYR A 164 7.27 11.89 4.72
N GLU A 165 8.05 12.47 5.62
CA GLU A 165 9.27 13.22 5.20
C GLU A 165 10.23 12.42 4.33
N ARG A 166 10.40 11.13 4.64
CA ARG A 166 11.26 10.26 3.84
C ARG A 166 10.80 10.14 2.38
N GLU A 167 9.52 10.43 2.14
CA GLU A 167 8.92 10.29 0.82
C GLU A 167 9.14 11.50 -0.10
N TRP A 168 9.48 12.67 0.46
CA TRP A 168 9.59 13.89 -0.36
C TRP A 168 10.72 14.89 -0.06
N ARG A 169 11.32 14.84 1.13
CA ARG A 169 12.39 15.79 1.47
C ARG A 169 13.73 15.40 0.87
N ASN A 170 14.57 16.40 0.61
CA ASN A 170 15.92 16.20 0.09
C ASN A 170 15.97 15.37 -1.17
N GLY A 171 15.07 15.67 -2.11
CA GLY A 171 15.03 15.00 -3.40
C GLY A 171 14.50 13.57 -3.39
N ASN A 172 13.90 13.15 -2.29
CA ASN A 172 13.39 11.77 -2.19
C ASN A 172 12.05 11.59 -2.88
N SER A 173 11.71 10.34 -3.18
CA SER A 173 10.48 10.02 -3.90
C SER A 173 10.08 8.57 -3.70
N ARG A 174 8.96 8.19 -4.28
CA ARG A 174 8.46 6.82 -4.24
C ARG A 174 8.31 6.27 -5.65
N TRP A 175 8.28 4.94 -5.75
CA TRP A 175 7.85 4.25 -6.96
C TRP A 175 7.37 2.83 -6.64
N ASP A 176 6.73 2.21 -7.63
CA ASP A 176 6.17 0.87 -7.51
C ASP A 176 6.10 0.36 -8.93
N ILE A 177 6.46 -0.89 -9.17
CA ILE A 177 6.50 -1.39 -10.54
C ILE A 177 5.24 -2.10 -11.02
N ILE A 178 4.29 -2.36 -10.12
CA ILE A 178 3.12 -3.18 -10.48
C ILE A 178 2.28 -2.57 -11.61
N ASP A 179 2.03 -1.26 -11.57
CA ASP A 179 1.24 -0.65 -12.63
C ASP A 179 2.05 -0.48 -13.93
N MET A 180 3.37 -0.31 -13.81
CA MET A 180 4.22 -0.34 -15.00
C MET A 180 4.07 -1.68 -15.71
N LEU A 181 4.07 -2.77 -14.93
CA LEU A 181 3.89 -4.10 -15.50
C LEU A 181 2.54 -4.26 -16.15
N ARG A 182 1.50 -3.74 -15.51
CA ARG A 182 0.17 -3.76 -16.09
C ARG A 182 0.14 -3.01 -17.41
N LEU A 183 0.73 -1.82 -17.45
CA LEU A 183 0.79 -1.06 -18.69
C LEU A 183 1.60 -1.82 -19.76
N THR A 184 2.75 -2.36 -19.38
CA THR A 184 3.60 -3.07 -20.34
C THR A 184 2.87 -4.23 -20.96
N ARG A 185 2.26 -5.08 -20.13
CA ARG A 185 1.50 -6.22 -20.62
C ARG A 185 0.32 -5.79 -21.51
N ALA A 186 -0.33 -4.69 -21.15
CA ALA A 186 -1.50 -4.23 -21.91
C ALA A 186 -1.11 -3.53 -23.24
N LEU A 187 -0.05 -2.74 -23.20
CA LEU A 187 0.25 -1.80 -24.28
C LEU A 187 1.45 -2.22 -25.17
N ARG A 188 2.49 -2.78 -24.57
CA ARG A 188 3.67 -3.25 -25.32
C ARG A 188 4.15 -4.60 -24.79
N PRO A 189 3.36 -5.66 -24.99
CA PRO A 189 3.70 -6.94 -24.37
C PRO A 189 4.87 -7.71 -25.02
N GLU A 190 5.35 -7.23 -26.17
CA GLU A 190 6.35 -7.96 -26.97
C GLU A 190 7.65 -8.14 -26.20
N GLY A 191 8.21 -9.34 -26.26
CA GLY A 191 9.54 -9.61 -25.69
C GLY A 191 9.53 -10.06 -24.24
N ILE A 192 8.33 -10.27 -23.69
CA ILE A 192 8.16 -10.76 -22.33
C ILE A 192 7.05 -11.79 -22.31
N GLU A 193 7.27 -12.88 -21.59
CA GLU A 193 6.24 -13.90 -21.40
C GLU A 193 5.33 -13.49 -20.25
N TRP A 194 4.06 -13.33 -20.56
CA TRP A 194 3.05 -12.94 -19.57
C TRP A 194 2.29 -14.19 -19.12
N PRO A 195 2.55 -14.65 -17.88
CA PRO A 195 1.98 -15.92 -17.46
C PRO A 195 0.47 -15.89 -17.25
N VAL A 196 -0.13 -17.07 -17.32
CA VAL A 196 -1.53 -17.27 -16.95
C VAL A 196 -1.58 -18.40 -15.92
N ASP A 197 -2.58 -18.38 -15.05
CA ASP A 197 -2.73 -19.45 -14.06
C ASP A 197 -3.32 -20.70 -14.74
N GLY A 198 -3.70 -21.70 -13.94
CA GLY A 198 -4.21 -22.97 -14.47
C GLY A 198 -5.48 -22.89 -15.29
N SER A 199 -6.34 -21.92 -15.00
CA SER A 199 -7.58 -21.71 -15.74
C SER A 199 -7.44 -20.65 -16.85
N GLY A 200 -6.20 -20.23 -17.13
CA GLY A 200 -5.93 -19.27 -18.20
C GLY A 200 -6.12 -17.81 -17.83
N LYS A 201 -6.27 -17.51 -16.55
CA LYS A 201 -6.45 -16.12 -16.13
C LYS A 201 -5.06 -15.47 -16.05
N PRO A 202 -4.96 -14.19 -16.47
CA PRO A 202 -3.66 -13.51 -16.45
C PRO A 202 -3.13 -13.34 -15.03
N SER A 203 -1.82 -13.41 -14.88
CA SER A 203 -1.18 -13.33 -13.57
C SER A 203 0.06 -12.46 -13.63
N LEU A 204 0.20 -11.57 -12.65
CA LEU A 204 1.43 -10.79 -12.50
C LEU A 204 2.19 -11.19 -11.25
N ARG A 205 1.85 -12.35 -10.67
CA ARG A 205 2.54 -12.86 -9.50
C ARG A 205 4.04 -12.93 -9.75
N LEU A 206 4.81 -12.44 -8.79
CA LEU A 206 6.24 -12.29 -8.97
C LEU A 206 6.94 -13.60 -9.39
N GLU A 207 6.54 -14.71 -8.77
CA GLU A 207 7.18 -16.01 -9.03
CA GLU A 207 7.18 -16.01 -9.03
C GLU A 207 6.79 -16.60 -10.40
N ALA A 208 5.53 -16.43 -10.79
CA ALA A 208 5.09 -16.90 -12.12
C ALA A 208 5.79 -16.12 -13.23
N LEU A 209 5.92 -14.82 -13.01
CA LEU A 209 6.52 -13.92 -13.99
C LEU A 209 8.01 -14.22 -14.17
N THR A 210 8.71 -14.39 -13.05
CA THR A 210 10.14 -14.65 -13.09
C THR A 210 10.49 -16.00 -13.73
N VAL A 211 9.68 -17.03 -13.46
CA VAL A 211 9.90 -18.35 -14.05
C VAL A 211 9.59 -18.34 -15.55
N ALA A 212 8.48 -17.71 -15.92
CA ALA A 212 8.09 -17.63 -17.34
C ALA A 212 9.14 -16.94 -18.21
N ASN A 213 9.95 -16.06 -17.61
CA ASN A 213 10.97 -15.32 -18.34
C ASN A 213 12.40 -15.74 -18.03
N GLY A 214 12.57 -16.75 -17.18
CA GLY A 214 13.87 -17.37 -16.96
C GLY A 214 14.86 -16.51 -16.22
N ILE A 215 14.39 -15.83 -15.18
CA ILE A 215 15.24 -14.93 -14.38
C ILE A 215 15.01 -15.16 -12.89
N GLN A 216 14.73 -16.42 -12.52
CA GLN A 216 14.41 -16.75 -11.13
C GLN A 216 15.68 -17.02 -10.32
N HIS A 217 15.50 -17.39 -9.04
CA HIS A 217 16.58 -17.70 -8.09
C HIS A 217 16.77 -16.54 -7.11
N ALA A 220 13.31 -18.88 -1.97
CA ALA A 220 11.96 -19.01 -1.45
C ALA A 220 11.46 -17.69 -0.86
N HIS A 221 10.18 -17.64 -0.50
CA HIS A 221 9.44 -16.38 -0.23
C HIS A 221 9.90 -15.47 0.94
N ASP A 222 11.11 -15.64 1.47
CA ASP A 222 11.64 -14.65 2.41
C ASP A 222 11.70 -13.29 1.70
N ALA A 223 11.66 -12.21 2.47
CA ALA A 223 11.64 -10.88 1.88
C ALA A 223 12.79 -10.62 0.88
N LEU A 224 13.99 -11.12 1.19
CA LEU A 224 15.16 -10.86 0.33
C LEU A 224 15.02 -11.43 -1.08
N ALA A 225 14.52 -12.65 -1.19
CA ALA A 225 14.24 -13.23 -2.50
C ALA A 225 13.23 -12.40 -3.27
N ASP A 226 12.18 -11.92 -2.60
CA ASP A 226 11.16 -11.09 -3.24
C ASP A 226 11.75 -9.79 -3.78
N VAL A 227 12.62 -9.15 -3.00
CA VAL A 227 13.25 -7.89 -3.41
C VAL A 227 14.14 -8.10 -4.63
N ARG A 228 14.96 -9.15 -4.60
N ARG A 228 14.96 -9.16 -4.58
CA ARG A 228 15.84 -9.44 -5.74
CA ARG A 228 15.84 -9.50 -5.70
C ARG A 228 15.05 -9.79 -7.00
C ARG A 228 15.06 -9.78 -6.98
N ALA A 229 13.97 -10.54 -6.84
CA ALA A 229 13.08 -10.85 -7.96
C ALA A 229 12.36 -9.58 -8.51
N THR A 230 12.10 -8.62 -7.64
CA THR A 230 11.48 -7.36 -8.04
C THR A 230 12.44 -6.55 -8.92
N ILE A 231 13.68 -6.42 -8.47
CA ILE A 231 14.74 -5.74 -9.21
C ILE A 231 14.93 -6.42 -10.58
N ALA A 232 14.91 -7.75 -10.60
CA ALA A 232 15.11 -8.47 -11.85
C ALA A 232 13.96 -8.25 -12.83
N VAL A 233 12.73 -8.21 -12.32
CA VAL A 233 11.58 -7.93 -13.18
C VAL A 233 11.65 -6.52 -13.75
N ALA A 234 12.08 -5.56 -12.93
CA ALA A 234 12.31 -4.18 -13.37
C ALA A 234 13.37 -4.09 -14.45
N ARG A 235 14.50 -4.75 -14.24
CA ARG A 235 15.54 -4.86 -15.26
C ARG A 235 14.97 -5.41 -16.55
N LEU A 236 14.15 -6.46 -16.44
CA LEU A 236 13.58 -7.07 -17.63
C LEU A 236 12.71 -6.09 -18.44
N VAL A 237 11.92 -5.26 -17.75
CA VAL A 237 11.11 -4.25 -18.43
C VAL A 237 12.03 -3.20 -19.05
N ARG A 238 13.03 -2.78 -18.30
CA ARG A 238 14.00 -1.80 -18.78
C ARG A 238 14.75 -2.25 -20.03
N GLU A 239 15.01 -3.56 -20.12
CA GLU A 239 15.73 -4.14 -21.28
C GLU A 239 14.81 -4.31 -22.50
N ARG A 240 13.62 -4.84 -22.28
CA ARG A 240 12.73 -5.18 -23.39
C ARG A 240 11.84 -4.02 -23.87
N GLN A 241 11.56 -3.07 -22.98
CA GLN A 241 10.73 -1.92 -23.33
C GLN A 241 11.26 -0.66 -22.63
N PRO A 242 12.51 -0.28 -22.95
CA PRO A 242 13.18 0.81 -22.25
C PRO A 242 12.45 2.15 -22.35
N LYS A 243 11.76 2.39 -23.46
CA LYS A 243 11.10 3.67 -23.66
C LYS A 243 9.89 3.81 -22.73
N LEU A 244 9.02 2.81 -22.73
CA LEU A 244 7.93 2.73 -21.75
C LEU A 244 8.47 2.84 -20.31
N PHE A 245 9.52 2.09 -20.00
CA PHE A 245 10.11 2.11 -18.66
C PHE A 245 10.51 3.51 -18.25
N ASN A 246 11.19 4.22 -19.14
CA ASN A 246 11.62 5.58 -18.85
C ASN A 246 10.44 6.56 -18.82
N PHE A 247 9.47 6.37 -19.70
CA PHE A 247 8.23 7.16 -19.67
C PHE A 247 7.54 7.06 -18.29
N VAL A 248 7.24 5.85 -17.87
CA VAL A 248 6.50 5.62 -16.63
C VAL A 248 7.27 6.15 -15.43
N PHE A 249 8.57 5.84 -15.39
CA PHE A 249 9.39 6.28 -14.28
C PHE A 249 9.48 7.81 -14.21
N ALA A 250 9.71 8.45 -15.36
CA ALA A 250 9.87 9.91 -15.39
C ALA A 250 8.56 10.64 -15.04
N ASN A 251 7.42 10.00 -15.31
CA ASN A 251 6.09 10.60 -15.09
C ASN A 251 5.41 10.18 -13.78
N ARG A 252 6.17 9.63 -12.84
CA ARG A 252 5.57 8.98 -11.67
C ARG A 252 5.10 9.94 -10.60
N GLY A 253 5.59 11.19 -10.64
CA GLY A 253 5.25 12.17 -9.61
C GLY A 253 3.89 12.81 -9.78
N LYS A 254 3.40 13.40 -8.69
CA LYS A 254 2.15 14.17 -8.66
C LYS A 254 1.96 15.08 -9.87
N ARG A 255 2.88 16.04 -10.03
CA ARG A 255 2.74 17.07 -11.05
C ARG A 255 2.63 16.43 -12.43
N GLU A 256 3.52 15.49 -12.71
CA GLU A 256 3.59 14.89 -14.03
C GLU A 256 2.38 14.02 -14.34
N ALA A 257 1.86 13.33 -13.33
CA ALA A 257 0.63 12.53 -13.51
C ALA A 257 -0.58 13.40 -13.81
N PHE A 258 -0.70 14.52 -13.09
CA PHE A 258 -1.78 15.48 -13.35
C PHE A 258 -1.71 15.99 -14.79
N GLU A 259 -0.52 16.33 -15.26
CA GLU A 259 -0.33 16.85 -16.62
C GLU A 259 -0.78 15.83 -17.67
N LEU A 260 -0.45 14.56 -17.44
CA LEU A 260 -0.90 13.49 -18.34
C LEU A 260 -2.42 13.36 -18.41
N LEU A 261 -3.13 13.71 -17.34
CA LEU A 261 -4.59 13.62 -17.34
C LEU A 261 -5.27 14.69 -18.22
N ARG A 262 -4.57 15.81 -18.47
CA ARG A 262 -5.08 16.86 -19.35
C ARG A 262 -6.39 17.43 -18.77
N PHE A 263 -6.37 17.77 -17.49
CA PHE A 263 -7.54 18.31 -16.82
C PHE A 263 -7.62 19.81 -17.13
N GLY A 264 -8.69 20.31 -17.76
CA GLY A 264 -9.86 19.57 -18.16
C GLY A 264 -10.18 19.90 -19.60
N ALA A 265 -9.37 19.33 -20.49
CA ALA A 265 -9.56 19.46 -21.92
C ALA A 265 -10.44 18.34 -22.46
N MET A 266 -11.04 17.55 -21.58
CA MET A 266 -11.86 16.41 -22.00
C MET A 266 -11.14 15.54 -23.02
N GLN A 267 -9.86 15.26 -22.74
CA GLN A 267 -9.04 14.46 -23.61
C GLN A 267 -9.00 13.02 -23.06
N PRO A 268 -9.36 12.03 -23.88
CA PRO A 268 -9.26 10.65 -23.44
C PRO A 268 -7.82 10.18 -23.32
N VAL A 269 -7.52 9.44 -22.25
CA VAL A 269 -6.19 8.85 -22.02
C VAL A 269 -6.32 7.39 -21.56
N LEU A 270 -5.19 6.69 -21.56
CA LEU A 270 -5.12 5.32 -21.09
C LEU A 270 -4.76 5.34 -19.62
N HIS A 271 -5.45 4.53 -18.83
CA HIS A 271 -5.18 4.41 -17.40
C HIS A 271 -5.25 2.93 -17.02
N VAL A 272 -4.20 2.44 -16.36
CA VAL A 272 -4.20 1.07 -15.84
C VAL A 272 -4.41 1.11 -14.34
N SER A 273 -5.14 0.13 -13.84
CA SER A 273 -5.45 0.07 -12.42
C SER A 273 -5.90 -1.33 -12.00
N GLU A 274 -5.53 -1.71 -10.78
CA GLU A 274 -6.07 -2.91 -10.12
C GLU A 274 -7.59 -2.96 -10.20
N LYS A 275 -8.24 -1.79 -10.14
CA LYS A 275 -9.70 -1.70 -10.17
C LYS A 275 -10.36 -2.00 -11.51
N TYR A 276 -9.61 -2.06 -12.60
CA TYR A 276 -10.18 -2.46 -13.88
C TYR A 276 -9.96 -3.95 -14.10
N ALA A 277 -10.84 -4.56 -14.88
CA ALA A 277 -10.89 -6.02 -15.00
C ALA A 277 -9.64 -6.62 -15.65
N SER A 278 -9.15 -7.72 -15.08
CA SER A 278 -8.05 -8.48 -15.68
C SER A 278 -8.40 -9.01 -17.07
N ASP A 279 -9.69 -9.15 -17.35
CA ASP A 279 -10.12 -9.61 -18.67
CA ASP A 279 -10.19 -9.59 -18.65
C ASP A 279 -9.92 -8.50 -19.71
N ARG A 280 -9.78 -7.26 -19.25
CA ARG A 280 -9.45 -6.12 -20.12
C ARG A 280 -8.03 -5.62 -19.86
N TYR A 281 -7.18 -6.49 -19.32
CA TYR A 281 -5.78 -6.21 -19.04
C TYR A 281 -5.56 -5.00 -18.14
N CYS A 282 -6.47 -4.81 -17.18
CA CYS A 282 -6.38 -3.73 -16.18
C CYS A 282 -6.31 -2.32 -16.78
N LEU A 283 -6.81 -2.15 -18.01
CA LEU A 283 -6.69 -0.90 -18.74
C LEU A 283 -8.06 -0.39 -19.16
N ALA A 284 -8.25 0.93 -19.05
CA ALA A 284 -9.43 1.57 -19.59
C ALA A 284 -9.07 2.88 -20.28
N VAL A 285 -9.88 3.23 -21.27
CA VAL A 285 -9.84 4.53 -21.90
C VAL A 285 -10.72 5.47 -21.06
N VAL A 286 -10.09 6.45 -20.42
CA VAL A 286 -10.80 7.30 -19.48
C VAL A 286 -10.65 8.78 -19.82
N VAL A 287 -11.52 9.59 -19.20
CA VAL A 287 -11.44 11.04 -19.27
C VAL A 287 -11.61 11.62 -17.87
N ALA A 288 -10.77 12.60 -17.54
CA ALA A 288 -10.86 13.28 -16.25
C ALA A 288 -12.04 14.26 -16.31
N LEU A 289 -12.93 14.17 -15.32
CA LEU A 289 -14.14 15.00 -15.27
C LEU A 289 -14.16 15.98 -14.11
N ALA A 290 -13.57 15.62 -12.97
CA ALA A 290 -13.62 16.50 -11.81
C ALA A 290 -12.53 16.25 -10.79
N ARG A 291 -12.15 17.30 -10.08
CA ARG A 291 -11.31 17.15 -8.90
CA ARG A 291 -11.32 17.16 -8.89
C ARG A 291 -12.16 16.53 -7.79
N HIS A 292 -11.56 15.65 -7.00
CA HIS A 292 -12.28 14.99 -5.91
C HIS A 292 -12.64 16.04 -4.84
N PRO A 293 -13.86 15.99 -4.29
CA PRO A 293 -14.29 17.03 -3.34
C PRO A 293 -13.46 17.12 -2.05
N ARG A 294 -13.12 15.97 -1.46
CA ARG A 294 -12.38 15.91 -0.20
C ARG A 294 -10.86 15.69 -0.32
N ASN A 295 -10.42 14.88 -1.30
CA ASN A 295 -9.02 14.48 -1.44
C ASN A 295 -8.31 15.40 -2.41
N PRO A 296 -7.37 16.23 -1.90
CA PRO A 296 -6.74 17.21 -2.79
C PRO A 296 -5.83 16.59 -3.85
N ASN A 297 -5.49 15.31 -3.72
CA ASN A 297 -4.68 14.60 -4.70
C ASN A 297 -5.49 13.63 -5.56
N GLY A 298 -6.82 13.78 -5.55
CA GLY A 298 -7.69 12.91 -6.33
C GLY A 298 -8.29 13.57 -7.56
N VAL A 299 -8.24 12.87 -8.69
CA VAL A 299 -8.94 13.28 -9.91
C VAL A 299 -9.85 12.13 -10.32
N VAL A 300 -11.12 12.46 -10.57
CA VAL A 300 -12.13 11.45 -10.86
C VAL A 300 -12.23 11.29 -12.36
N VAL A 301 -12.09 10.06 -12.83
CA VAL A 301 -12.04 9.77 -14.26
C VAL A 301 -13.14 8.81 -14.64
N TYR A 302 -13.64 8.94 -15.87
CA TYR A 302 -14.75 8.14 -16.35
C TYR A 302 -14.29 7.14 -17.40
N ASP A 303 -14.70 5.89 -17.24
CA ASP A 303 -14.43 4.83 -18.20
C ASP A 303 -15.35 4.96 -19.41
N LEU A 304 -14.78 5.42 -20.52
CA LEU A 304 -15.54 5.72 -21.74
C LEU A 304 -16.10 4.51 -22.48
N SER A 305 -15.79 3.31 -22.02
CA SER A 305 -16.45 2.11 -22.56
C SER A 305 -17.88 1.92 -22.03
N VAL A 306 -18.25 2.65 -20.97
CA VAL A 306 -19.55 2.47 -20.34
C VAL A 306 -20.48 3.62 -20.72
N ASP A 307 -21.69 3.26 -21.15
CA ASP A 307 -22.74 4.22 -21.48
C ASP A 307 -22.95 5.19 -20.31
N PRO A 308 -22.70 6.49 -20.54
CA PRO A 308 -22.82 7.47 -19.45
C PRO A 308 -24.24 7.98 -19.18
N THR A 309 -25.26 7.42 -19.81
CA THR A 309 -26.65 7.88 -19.63
C THR A 309 -27.03 8.04 -18.15
N PRO A 310 -26.77 7.02 -17.32
CA PRO A 310 -27.12 7.18 -15.90
C PRO A 310 -26.38 8.30 -15.19
N LEU A 311 -25.11 8.50 -15.53
CA LEU A 311 -24.33 9.59 -14.94
C LEU A 311 -24.91 10.94 -15.34
N ILE A 312 -25.31 11.05 -16.60
CA ILE A 312 -25.90 12.29 -17.11
C ILE A 312 -27.31 12.51 -16.54
N ASP A 313 -28.16 11.48 -16.56
CA ASP A 313 -29.60 11.64 -16.24
C ASP A 313 -29.97 11.71 -14.74
N LEU A 314 -29.30 10.92 -13.90
CA LEU A 314 -29.64 10.89 -12.46
C LEU A 314 -29.28 12.20 -11.76
N ASN A 315 -30.10 12.58 -10.80
CA ASN A 315 -29.83 13.74 -9.94
CA ASN A 315 -29.80 13.75 -9.97
C ASN A 315 -28.73 13.42 -8.94
N ALA A 316 -28.29 14.43 -8.19
CA ALA A 316 -27.21 14.26 -7.22
C ALA A 316 -27.50 13.24 -6.12
N GLU A 317 -28.77 13.10 -5.73
CA GLU A 317 -29.13 12.17 -4.65
C GLU A 317 -29.09 10.73 -5.14
N ASP A 318 -29.75 10.46 -6.27
CA ASP A 318 -29.72 9.13 -6.88
C ASP A 318 -28.31 8.73 -7.30
N LEU A 319 -27.51 9.71 -7.71
CA LEU A 319 -26.14 9.44 -8.15
C LEU A 319 -25.29 9.02 -6.96
N ARG A 320 -25.37 9.77 -5.87
CA ARG A 320 -24.65 9.40 -4.64
C ARG A 320 -25.05 7.99 -4.19
N GLU A 321 -26.33 7.69 -4.29
CA GLU A 321 -26.87 6.41 -3.84
C GLU A 321 -26.23 5.26 -4.61
N ARG A 322 -26.32 5.30 -5.94
CA ARG A 322 -25.79 4.23 -6.77
C ARG A 322 -24.27 4.13 -6.66
N LEU A 323 -23.63 5.27 -6.48
CA LEU A 323 -22.18 5.35 -6.41
C LEU A 323 -21.62 4.74 -5.10
N PHE A 324 -22.42 4.79 -4.03
CA PHE A 324 -22.03 4.18 -2.75
C PHE A 324 -22.68 2.80 -2.50
N THR A 325 -23.45 2.30 -3.46
CA THR A 325 -23.99 0.95 -3.39
C THR A 325 -22.94 -0.04 -3.86
N PRO A 326 -22.48 -0.95 -2.99
CA PRO A 326 -21.58 -2.01 -3.47
C PRO A 326 -22.14 -2.75 -4.67
N ALA A 327 -21.28 -3.06 -5.64
CA ALA A 327 -21.69 -3.67 -6.91
C ALA A 327 -22.58 -4.91 -6.70
N SER A 328 -22.23 -5.72 -5.70
CA SER A 328 -23.03 -6.89 -5.33
C SER A 328 -24.50 -6.56 -5.06
N LYS A 329 -24.75 -5.40 -4.44
CA LYS A 329 -26.10 -5.01 -4.01
C LYS A 329 -26.90 -4.18 -5.02
N LEU A 330 -26.33 -3.93 -6.21
CA LEU A 330 -27.07 -3.27 -7.27
C LEU A 330 -28.26 -4.13 -7.73
N PRO A 331 -29.42 -3.51 -7.99
CA PRO A 331 -30.56 -4.22 -8.58
C PRO A 331 -30.22 -4.88 -9.92
N PRO A 332 -31.07 -5.78 -10.40
CA PRO A 332 -30.77 -6.45 -11.66
C PRO A 332 -30.97 -5.49 -12.84
N GLY A 333 -30.08 -5.56 -13.82
CA GLY A 333 -30.13 -4.67 -14.99
C GLY A 333 -29.50 -3.30 -14.78
N VAL A 334 -29.04 -3.02 -13.55
CA VAL A 334 -28.42 -1.75 -13.19
C VAL A 334 -26.93 -1.95 -12.92
N GLU A 335 -26.08 -1.54 -13.86
CA GLU A 335 -24.63 -1.64 -13.68
C GLU A 335 -24.09 -0.43 -12.89
N ARG A 336 -22.83 -0.50 -12.49
CA ARG A 336 -22.24 0.54 -11.64
C ARG A 336 -21.91 1.80 -12.45
N ILE A 337 -21.71 2.90 -11.74
CA ILE A 337 -21.28 4.16 -12.34
C ILE A 337 -19.78 4.07 -12.53
N ALA A 338 -19.32 4.19 -13.76
CA ALA A 338 -17.92 3.94 -14.09
C ALA A 338 -17.02 5.14 -13.79
N LEU A 339 -17.08 5.61 -12.54
CA LEU A 339 -16.15 6.63 -12.06
C LEU A 339 -15.12 5.99 -11.15
N LYS A 340 -13.90 6.52 -11.19
CA LYS A 340 -12.80 5.97 -10.44
C LYS A 340 -11.87 7.11 -10.07
N THR A 341 -11.35 7.09 -8.85
CA THR A 341 -10.47 8.16 -8.41
C THR A 341 -9.01 7.82 -8.67
N VAL A 342 -8.30 8.73 -9.35
CA VAL A 342 -6.85 8.62 -9.53
C VAL A 342 -6.17 9.36 -8.40
N HIS A 343 -5.34 8.65 -7.65
CA HIS A 343 -4.60 9.25 -6.54
C HIS A 343 -3.23 9.70 -7.08
N LEU A 344 -3.08 11.00 -7.30
CA LEU A 344 -1.91 11.57 -7.96
C LEU A 344 -0.62 11.27 -7.20
N ASN A 345 -0.74 11.17 -5.87
CA ASN A 345 0.39 10.87 -4.99
C ASN A 345 0.84 9.40 -4.95
N LYS A 346 0.18 8.53 -5.72
CA LYS A 346 0.43 7.09 -5.65
C LYS A 346 0.98 6.51 -6.97
N CYS A 347 1.78 7.32 -7.66
CA CYS A 347 2.39 6.91 -8.91
C CYS A 347 1.43 6.21 -9.84
N PRO A 348 0.28 6.85 -10.14
CA PRO A 348 -0.66 6.25 -11.09
C PRO A 348 -0.03 6.19 -12.47
N VAL A 349 -0.40 5.19 -13.26
CA VAL A 349 0.18 5.03 -14.59
C VAL A 349 -0.85 5.39 -15.64
N ILE A 350 -0.49 6.40 -16.44
CA ILE A 350 -1.32 6.98 -17.49
C ILE A 350 -0.48 7.12 -18.75
N ALA A 351 -1.09 6.88 -19.90
CA ALA A 351 -0.42 7.07 -21.20
C ALA A 351 -1.40 7.71 -22.19
N PRO A 352 -0.87 8.49 -23.15
CA PRO A 352 -1.79 9.12 -24.10
C PRO A 352 -2.44 8.11 -25.00
N LEU A 353 -3.64 8.42 -25.46
CA LEU A 353 -4.40 7.54 -26.33
C LEU A 353 -3.61 7.19 -27.59
N THR A 354 -2.76 8.10 -28.02
CA THR A 354 -1.94 7.90 -29.21
C THR A 354 -0.82 6.86 -29.04
N ALA A 355 -0.71 6.24 -27.86
CA ALA A 355 0.21 5.12 -27.66
C ALA A 355 -0.35 3.83 -28.25
N LEU A 356 -1.65 3.81 -28.53
CA LEU A 356 -2.27 2.66 -29.17
C LEU A 356 -1.82 2.57 -30.62
N ARG A 357 -1.21 1.45 -30.98
CA ARG A 357 -1.02 1.08 -32.37
C ARG A 357 -2.26 0.27 -32.75
N SER A 358 -2.48 0.05 -34.04
CA SER A 358 -3.71 -0.59 -34.50
C SER A 358 -3.83 -2.04 -34.00
N GLN A 359 -2.71 -2.73 -33.85
CA GLN A 359 -2.75 -4.09 -33.29
C GLN A 359 -3.10 -4.09 -31.79
N ASP A 360 -2.77 -2.99 -31.09
CA ASP A 360 -3.08 -2.85 -29.66
C ASP A 360 -4.57 -2.64 -29.46
N THR A 361 -5.13 -1.70 -30.23
CA THR A 361 -6.58 -1.46 -30.21
C THR A 361 -7.36 -2.75 -30.51
N GLU A 362 -6.92 -3.46 -31.55
CA GLU A 362 -7.51 -4.74 -31.94
C GLU A 362 -7.39 -5.78 -30.83
N ARG A 363 -6.20 -5.87 -30.25
CA ARG A 363 -5.91 -6.84 -29.19
C ARG A 363 -6.70 -6.55 -27.92
N LEU A 364 -6.83 -5.27 -27.58
CA LEU A 364 -7.57 -4.87 -26.39
C LEU A 364 -9.06 -4.69 -26.63
N GLN A 365 -9.52 -4.93 -27.86
CA GLN A 365 -10.93 -4.82 -28.22
C GLN A 365 -11.52 -3.47 -27.76
N ILE A 366 -10.78 -2.41 -28.07
CA ILE A 366 -11.19 -1.05 -27.74
C ILE A 366 -11.95 -0.49 -28.92
N ASP A 367 -13.17 -0.01 -28.66
CA ASP A 367 -14.01 0.62 -29.67
C ASP A 367 -13.87 2.14 -29.53
N LEU A 368 -12.97 2.73 -30.31
CA LEU A 368 -12.67 4.15 -30.20
C LEU A 368 -13.83 5.08 -30.57
N ASP A 369 -14.65 4.68 -31.55
CA ASP A 369 -15.81 5.48 -31.96
C ASP A 369 -16.81 5.57 -30.83
N ARG A 370 -17.13 4.42 -30.26
CA ARG A 370 -18.02 4.34 -29.11
C ARG A 370 -17.53 5.22 -27.96
N CYS A 371 -16.23 5.12 -27.63
CA CYS A 371 -15.64 5.98 -26.60
C CYS A 371 -15.80 7.46 -26.96
N ASN A 372 -15.59 7.76 -28.24
CA ASN A 372 -15.72 9.13 -28.73
C ASN A 372 -17.16 9.62 -28.62
N ARG A 373 -18.09 8.76 -28.98
CA ARG A 373 -19.52 9.04 -28.87
C ARG A 373 -19.90 9.38 -27.43
N HIS A 374 -19.42 8.57 -26.49
CA HIS A 374 -19.68 8.80 -25.07
C HIS A 374 -19.00 10.07 -24.59
N LEU A 375 -17.79 10.33 -25.09
CA LEU A 375 -17.08 11.55 -24.77
C LEU A 375 -17.83 12.79 -25.27
N ASP A 376 -18.42 12.70 -26.46
CA ASP A 376 -19.20 13.82 -26.99
C ASP A 376 -20.34 14.18 -26.06
N ARG A 377 -21.06 13.16 -25.61
CA ARG A 377 -22.19 13.38 -24.71
C ARG A 377 -21.74 14.02 -23.41
N LEU A 378 -20.56 13.65 -22.90
CA LEU A 378 -20.04 14.24 -21.67
C LEU A 378 -19.60 15.70 -21.82
N LYS A 379 -19.05 16.04 -22.99
CA LYS A 379 -18.61 17.41 -23.26
CA LYS A 379 -18.62 17.40 -23.29
C LYS A 379 -19.78 18.40 -23.28
N ARG A 380 -21.00 17.91 -23.55
CA ARG A 380 -22.18 18.78 -23.63
C ARG A 380 -22.77 19.21 -22.30
N GLU A 381 -22.41 18.52 -21.23
CA GLU A 381 -23.01 18.77 -19.92
C GLU A 381 -22.19 19.77 -19.12
N TRP A 382 -22.64 21.03 -19.08
CA TRP A 382 -21.91 22.07 -18.37
C TRP A 382 -21.78 21.77 -16.90
N THR A 383 -22.87 21.26 -16.32
CA THR A 383 -23.01 21.10 -14.88
C THR A 383 -22.41 19.79 -14.30
N LEU A 384 -21.98 18.88 -15.16
CA LEU A 384 -21.64 17.53 -14.74
C LEU A 384 -20.52 17.45 -13.69
N PRO A 385 -19.44 18.25 -13.84
CA PRO A 385 -18.40 18.23 -12.81
C PRO A 385 -18.90 18.60 -11.41
N LYS A 386 -19.78 19.59 -11.32
CA LYS A 386 -20.31 20.04 -10.03
C LYS A 386 -21.19 18.96 -9.39
N LYS A 387 -22.01 18.34 -10.23
CA LYS A 387 -22.89 17.26 -9.82
C LYS A 387 -22.10 16.04 -9.29
N ILE A 388 -21.03 15.68 -9.98
CA ILE A 388 -20.14 14.60 -9.53
C ILE A 388 -19.54 14.91 -8.17
N ARG A 389 -18.98 16.12 -8.02
CA ARG A 389 -18.41 16.54 -6.75
C ARG A 389 -19.46 16.55 -5.64
N GLU A 390 -20.67 16.95 -5.99
CA GLU A 390 -21.79 16.94 -5.06
C GLU A 390 -22.12 15.50 -4.65
N ALA A 391 -22.24 14.61 -5.64
CA ALA A 391 -22.57 13.21 -5.39
C ALA A 391 -21.53 12.46 -4.55
N MET A 392 -20.26 12.86 -4.67
CA MET A 392 -19.18 12.25 -3.91
C MET A 392 -18.86 13.03 -2.63
N THR A 393 -19.81 13.83 -2.15
CA THR A 393 -19.63 14.69 -0.97
C THR A 393 -18.66 15.82 -1.25
N THR A 401 -12.37 6.84 14.91
CA THR A 401 -12.15 7.88 15.91
C THR A 401 -11.51 7.26 17.15
N ASP A 402 -11.24 8.09 18.16
CA ASP A 402 -10.74 7.66 19.48
C ASP A 402 -9.29 7.20 19.48
N ASP A 403 -9.03 6.05 18.86
CA ASP A 403 -7.76 5.34 18.99
C ASP A 403 -6.66 6.03 18.18
N PRO A 404 -5.61 6.55 18.86
CA PRO A 404 -4.56 7.26 18.15
C PRO A 404 -3.80 6.42 17.12
N ASP A 405 -3.69 5.11 17.38
CA ASP A 405 -3.06 4.18 16.42
C ASP A 405 -3.81 4.09 15.09
N LEU A 406 -5.11 4.38 15.12
CA LEU A 406 -5.96 4.32 13.93
C LEU A 406 -6.29 5.70 13.36
N MET A 407 -5.47 6.70 13.65
CA MET A 407 -5.81 8.09 13.29
C MET A 407 -4.70 8.79 12.51
N LEU A 408 -3.88 8.01 11.79
CA LEU A 408 -2.79 8.56 10.98
C LEU A 408 -3.27 9.63 10.00
N TYR A 409 -4.39 9.35 9.34
CA TYR A 409 -4.90 10.23 8.29
C TYR A 409 -5.96 11.22 8.82
N ASP A 410 -6.01 11.41 10.13
CA ASP A 410 -6.98 12.32 10.73
C ASP A 410 -6.52 13.77 10.62
N GLY A 411 -5.22 13.97 10.40
CA GLY A 411 -4.66 15.31 10.20
C GLY A 411 -3.15 15.27 10.09
N PHE A 412 -2.58 16.35 9.56
CA PHE A 412 -1.12 16.46 9.38
C PHE A 412 -0.44 17.09 10.59
N LEU A 413 0.82 16.74 10.80
CA LEU A 413 1.61 17.28 11.89
C LEU A 413 2.01 18.72 11.62
N GLY A 414 1.94 19.56 12.65
CA GLY A 414 2.45 20.92 12.59
C GLY A 414 3.96 20.94 12.65
N ASP A 415 4.54 22.10 12.32
CA ASP A 415 6.00 22.26 12.31
CA ASP A 415 6.00 22.25 12.30
C ASP A 415 6.54 22.22 13.73
N ALA A 416 5.73 22.70 14.68
CA ALA A 416 6.10 22.72 16.09
C ALA A 416 6.16 21.31 16.67
N ASP A 417 5.06 20.57 16.53
CA ASP A 417 5.00 19.18 17.01
C ASP A 417 6.14 18.34 16.44
N ARG A 418 6.41 18.50 15.15
CA ARG A 418 7.51 17.79 14.50
C ARG A 418 8.84 18.03 15.20
N ALA A 419 9.03 19.25 15.71
CA ALA A 419 10.25 19.63 16.42
C ALA A 419 10.38 18.97 17.80
N VAL A 420 9.27 18.93 18.54
CA VAL A 420 9.28 18.29 19.88
C VAL A 420 9.40 16.77 19.76
N LEU A 421 8.76 16.18 18.77
CA LEU A 421 8.92 14.76 18.46
C LEU A 421 10.39 14.39 18.21
N LYS A 422 11.07 15.18 17.38
CA LYS A 422 12.48 14.93 17.09
C LYS A 422 13.35 14.96 18.36
N TRP A 423 13.08 15.94 19.22
CA TRP A 423 13.83 16.08 20.47
C TRP A 423 13.59 14.87 21.38
N LEU A 424 12.33 14.48 21.55
CA LEU A 424 11.97 13.29 22.34
C LEU A 424 12.69 12.03 21.84
N ARG A 425 12.75 11.87 20.52
CA ARG A 425 13.42 10.72 19.91
C ARG A 425 14.93 10.70 20.14
N GLY A 426 15.53 11.89 20.26
CA GLY A 426 16.95 12.00 20.54
C GLY A 426 17.32 11.58 21.95
N LEU A 427 16.35 11.62 22.86
CA LEU A 427 16.59 11.30 24.27
C LEU A 427 16.88 9.82 24.49
N THR A 428 17.53 9.53 25.61
CA THR A 428 17.71 8.14 26.05
C THR A 428 16.44 7.71 26.77
N PRO A 429 16.23 6.38 26.93
CA PRO A 429 15.02 5.88 27.59
C PRO A 429 14.74 6.53 28.95
N ASP A 430 15.79 6.73 29.75
CA ASP A 430 15.65 7.37 31.06
C ASP A 430 15.24 8.84 30.93
N GLU A 431 15.98 9.58 30.12
CA GLU A 431 15.67 10.98 29.82
C GLU A 431 14.23 11.14 29.33
N LEU A 432 13.79 10.19 28.49
CA LEU A 432 12.46 10.22 27.89
C LEU A 432 11.34 10.10 28.94
N ALA A 433 11.57 9.29 29.96
CA ALA A 433 10.60 9.13 31.07
C ALA A 433 10.38 10.44 31.84
N ARG A 434 11.41 11.28 31.90
CA ARG A 434 11.36 12.55 32.62
C ARG A 434 10.86 13.75 31.79
N ALA A 435 10.68 13.54 30.48
CA ALA A 435 10.53 14.66 29.53
C ALA A 435 9.40 15.66 29.81
N GLN A 436 8.18 15.15 29.98
CA GLN A 436 7.00 16.02 30.18
C GLN A 436 6.86 17.09 29.08
N PRO A 437 6.70 16.66 27.82
CA PRO A 437 6.57 17.60 26.72
C PRO A 437 5.18 18.21 26.61
N SER A 438 5.03 19.13 25.67
CA SER A 438 3.74 19.78 25.41
C SER A 438 3.45 19.69 23.91
N PHE A 439 2.25 19.23 23.56
CA PHE A 439 1.86 18.99 22.17
C PHE A 439 0.70 19.88 21.72
N GLU A 440 0.73 20.24 20.45
CA GLU A 440 -0.36 20.97 19.82
C GLU A 440 -1.43 19.99 19.34
N ASP A 441 -0.99 18.88 18.74
CA ASP A 441 -1.88 17.82 18.25
C ASP A 441 -2.39 16.95 19.41
N ALA A 442 -3.69 16.68 19.42
CA ALA A 442 -4.33 15.94 20.52
C ALA A 442 -4.01 14.43 20.56
N ARG A 443 -3.51 13.89 19.45
CA ARG A 443 -3.20 12.46 19.37
C ARG A 443 -1.92 12.07 20.10
N LEU A 444 -0.98 13.01 20.21
CA LEU A 444 0.40 12.68 20.59
C LEU A 444 0.64 12.23 22.04
N PRO A 445 -0.16 12.74 23.00
CA PRO A 445 0.10 12.32 24.38
C PRO A 445 0.01 10.80 24.59
N GLU A 446 -1.14 10.21 24.28
CA GLU A 446 -1.33 8.78 24.44
C GLU A 446 -0.35 8.01 23.55
N LEU A 447 -0.09 8.57 22.38
CA LEU A 447 0.81 8.00 21.41
C LEU A 447 2.23 7.88 21.98
N LEU A 448 2.68 8.91 22.69
CA LEU A 448 3.98 8.88 23.38
C LEU A 448 4.03 7.80 24.47
N PHE A 449 2.93 7.65 25.19
CA PHE A 449 2.85 6.63 26.24
C PHE A 449 3.05 5.21 25.70
N ARG A 450 2.29 4.84 24.66
CA ARG A 450 2.36 3.48 24.08
C ARG A 450 3.75 3.18 23.52
N TYR A 451 4.38 4.21 22.93
CA TYR A 451 5.75 4.10 22.44
C TYR A 451 6.73 3.72 23.54
N ARG A 452 6.57 4.36 24.71
CA ARG A 452 7.44 4.05 25.87
C ARG A 452 7.13 2.67 26.44
N ALA A 453 5.85 2.36 26.56
CA ALA A 453 5.40 1.08 27.10
C ALA A 453 5.81 -0.11 26.22
N ARG A 454 5.71 0.04 24.90
CA ARG A 454 6.03 -1.05 23.97
C ARG A 454 7.51 -1.37 23.89
N ASN A 455 8.34 -0.33 23.77
CA ASN A 455 9.78 -0.50 23.57
C ASN A 455 10.62 -0.45 24.84
N PHE A 456 10.17 0.35 25.82
CA PHE A 456 10.93 0.57 27.05
C PHE A 456 10.08 0.33 28.30
N PRO A 457 9.51 -0.88 28.44
CA PRO A 457 8.59 -1.16 29.55
C PRO A 457 9.24 -1.08 30.94
N GLU A 458 10.55 -1.32 31.01
CA GLU A 458 11.31 -1.18 32.26
C GLU A 458 11.44 0.27 32.74
N THR A 459 10.98 1.22 31.93
CA THR A 459 11.15 2.64 32.18
C THR A 459 9.88 3.27 32.78
N LEU A 460 8.82 2.47 32.93
CA LEU A 460 7.53 2.97 33.41
C LEU A 460 7.46 2.97 34.94
N THR A 461 6.58 3.82 35.47
CA THR A 461 6.28 3.80 36.91
C THR A 461 5.32 2.65 37.20
N PRO A 462 5.21 2.23 38.48
CA PRO A 462 4.27 1.18 38.84
C PRO A 462 2.84 1.39 38.32
N GLU A 463 2.36 2.63 38.36
CA GLU A 463 0.99 2.96 37.94
C GLU A 463 0.86 3.11 36.41
N GLU A 464 1.97 3.44 35.76
CA GLU A 464 2.02 3.46 34.29
C GLU A 464 1.95 2.04 33.75
N THR A 465 2.70 1.14 34.38
CA THR A 465 2.68 -0.28 34.06
C THR A 465 1.27 -0.88 34.18
N ALA A 466 0.50 -0.42 35.16
CA ALA A 466 -0.87 -0.87 35.35
C ALA A 466 -1.80 -0.35 34.26
N ARG A 467 -1.49 0.83 33.73
CA ARG A 467 -2.26 1.41 32.62
C ARG A 467 -1.99 0.64 31.32
N TRP A 468 -0.72 0.37 31.06
CA TRP A 468 -0.29 -0.43 29.92
C TRP A 468 -0.94 -1.82 29.96
N GLU A 469 -0.88 -2.47 31.11
CA GLU A 469 -1.44 -3.81 31.30
C GLU A 469 -2.96 -3.89 31.05
N ALA A 470 -3.68 -2.83 31.41
CA ALA A 470 -5.11 -2.77 31.16
C ALA A 470 -5.39 -2.67 29.66
N TYR A 471 -4.69 -1.76 29.00
CA TYR A 471 -4.81 -1.57 27.55
C TYR A 471 -4.34 -2.81 26.79
N ARG A 472 -3.16 -3.30 27.16
CA ARG A 472 -2.52 -4.44 26.52
C ARG A 472 -3.44 -5.64 26.43
N ILE A 473 -3.98 -6.05 27.58
CA ILE A 473 -4.83 -7.24 27.65
C ILE A 473 -6.12 -7.07 26.85
N ARG A 474 -6.77 -5.92 26.96
CA ARG A 474 -8.03 -5.70 26.23
C ARG A 474 -7.84 -5.49 24.73
N ARG A 475 -6.63 -5.10 24.30
CA ARG A 475 -6.30 -5.11 22.88
C ARG A 475 -6.14 -6.55 22.39
N LEU A 476 -5.51 -7.39 23.23
CA LEU A 476 -5.32 -8.80 22.92
C LEU A 476 -6.61 -9.64 22.95
N THR A 477 -7.66 -9.15 23.63
CA THR A 477 -8.82 -9.99 23.94
C THR A 477 -10.22 -9.45 23.56
N VAL A 478 -10.38 -8.14 23.39
CA VAL A 478 -11.70 -7.56 23.12
C VAL A 478 -11.78 -6.96 21.72
N GLU A 479 -12.89 -7.22 21.04
CA GLU A 479 -13.13 -6.71 19.69
C GLU A 479 -13.10 -5.18 19.65
N GLY A 480 -12.51 -4.63 18.59
CA GLY A 480 -12.47 -3.19 18.36
C GLY A 480 -11.50 -2.39 19.23
N CYS A 481 -10.56 -3.06 19.88
CA CYS A 481 -9.59 -2.39 20.74
C CYS A 481 -8.20 -2.23 20.10
N GLY A 482 -8.15 -2.24 18.77
CA GLY A 482 -6.90 -1.97 18.06
C GLY A 482 -6.45 -3.10 17.15
N GLY A 483 -6.43 -4.32 17.67
CA GLY A 483 -5.97 -5.49 16.92
C GLY A 483 -6.93 -5.90 15.83
N SER A 484 -6.42 -6.47 14.75
CA SER A 484 -7.27 -7.02 13.70
C SER A 484 -7.92 -8.32 14.16
N ILE A 485 -7.28 -8.98 15.11
CA ILE A 485 -7.73 -10.27 15.62
C ILE A 485 -7.43 -10.36 17.12
N VAL A 486 -8.39 -10.89 17.88
CA VAL A 486 -8.23 -11.10 19.34
C VAL A 486 -8.11 -12.59 19.69
N LEU A 487 -7.85 -12.87 20.96
CA LEU A 487 -7.40 -14.20 21.40
C LEU A 487 -8.30 -15.38 20.99
N ASN A 488 -9.61 -15.21 21.09
CA ASN A 488 -10.53 -16.32 20.83
C ASN A 488 -10.62 -16.69 19.35
N GLU A 489 -10.54 -15.70 18.46
CA GLU A 489 -10.54 -15.95 17.02
C GLU A 489 -9.23 -16.64 16.64
N TYR A 490 -8.15 -16.10 17.17
CA TYR A 490 -6.78 -16.63 17.01
C TYR A 490 -6.74 -18.11 17.32
N LEU A 491 -7.37 -18.51 18.41
CA LEU A 491 -7.41 -19.92 18.81
C LEU A 491 -8.34 -20.73 17.90
N ALA A 492 -9.49 -20.16 17.58
CA ALA A 492 -10.43 -20.81 16.67
C ALA A 492 -9.83 -21.03 15.28
N ARG A 493 -9.08 -20.04 14.79
CA ARG A 493 -8.41 -20.17 13.50
C ARG A 493 -7.25 -21.17 13.55
N ILE A 494 -6.59 -21.26 14.70
CA ILE A 494 -5.60 -22.31 14.93
C ILE A 494 -6.27 -23.70 14.87
N GLU A 495 -7.45 -23.82 15.47
CA GLU A 495 -8.21 -25.07 15.44
C GLU A 495 -8.60 -25.48 14.03
N ALA A 496 -9.20 -24.56 13.28
CA ALA A 496 -9.53 -24.80 11.88
C ALA A 496 -8.31 -25.36 11.13
N LEU A 497 -7.18 -24.66 11.22
CA LEU A 497 -5.96 -25.05 10.51
C LEU A 497 -5.43 -26.40 10.96
N GLU A 498 -5.54 -26.70 12.26
CA GLU A 498 -5.07 -27.98 12.80
C GLU A 498 -5.87 -29.18 12.29
N ALA A 499 -7.12 -28.94 11.92
CA ALA A 499 -8.03 -29.99 11.46
C ALA A 499 -7.81 -30.41 10.00
N SER A 500 -7.00 -29.67 9.24
CA SER A 500 -6.77 -30.02 7.84
C SER A 500 -5.89 -31.28 7.72
N PRO A 501 -6.05 -32.03 6.61
CA PRO A 501 -5.31 -33.28 6.44
C PRO A 501 -3.90 -33.13 5.88
N ASP A 502 -3.51 -31.92 5.48
CA ASP A 502 -2.28 -31.74 4.70
C ASP A 502 -1.32 -30.74 5.35
N LEU A 503 -1.08 -30.86 6.64
CA LEU A 503 -0.12 -30.01 7.33
C LEU A 503 1.26 -30.61 7.25
N SER A 504 2.26 -29.78 6.94
CA SER A 504 3.65 -30.22 7.00
C SER A 504 4.10 -30.23 8.46
N ALA A 505 5.22 -30.89 8.72
CA ALA A 505 5.86 -30.86 10.04
C ALA A 505 6.12 -29.41 10.47
N LYS A 506 6.62 -28.60 9.55
CA LYS A 506 6.87 -27.18 9.80
C LYS A 506 5.59 -26.43 10.19
N ASP A 507 4.50 -26.69 9.48
CA ASP A 507 3.20 -26.07 9.80
C ASP A 507 2.77 -26.37 11.23
N ARG A 508 2.89 -27.64 11.64
CA ARG A 508 2.51 -28.05 12.99
C ARG A 508 3.32 -27.32 14.05
N GLU A 509 4.64 -27.30 13.88
CA GLU A 509 5.52 -26.58 14.80
C GLU A 509 5.14 -25.11 14.94
N ILE A 510 4.85 -24.46 13.81
CA ILE A 510 4.41 -23.07 13.82
C ILE A 510 3.12 -22.93 14.63
N LEU A 511 2.13 -23.78 14.35
CA LEU A 511 0.86 -23.75 15.10
C LEU A 511 1.08 -24.06 16.58
N LYS A 512 2.03 -24.94 16.88
CA LYS A 512 2.42 -25.21 18.26
C LYS A 512 3.03 -23.95 18.91
N ASN A 513 3.96 -23.31 18.21
CA ASN A 513 4.55 -22.06 18.68
C ASN A 513 3.50 -20.99 18.96
N LEU A 514 2.49 -20.91 18.10
CA LEU A 514 1.43 -19.90 18.22
C LEU A 514 0.58 -20.13 19.47
N ARG A 515 0.27 -21.38 19.76
CA ARG A 515 -0.43 -21.73 21.01
C ARG A 515 0.39 -21.29 22.22
N GLU A 516 1.67 -21.63 22.22
CA GLU A 516 2.56 -21.28 23.32
C GLU A 516 2.70 -19.78 23.49
N TYR A 517 2.73 -19.05 22.37
CA TYR A 517 2.81 -17.59 22.42
C TYR A 517 1.57 -16.99 23.08
N ALA A 518 0.39 -17.47 22.70
CA ALA A 518 -0.86 -16.99 23.30
C ALA A 518 -0.93 -17.31 24.80
N ARG A 519 -0.54 -18.53 25.16
CA ARG A 519 -0.45 -18.94 26.55
C ARG A 519 0.40 -17.95 27.33
N GLU A 520 1.61 -17.72 26.84
CA GLU A 520 2.61 -16.87 27.48
C GLU A 520 2.22 -15.38 27.53
N ILE A 521 1.65 -14.86 26.44
CA ILE A 521 1.39 -13.41 26.31
C ILE A 521 0.29 -12.89 27.25
N ILE A 522 -0.58 -13.79 27.73
CA ILE A 522 -1.65 -13.41 28.66
C ILE A 522 -1.32 -13.70 30.13
N SER A 523 -0.05 -14.01 30.41
CA SER A 523 0.39 -14.30 31.78
C SER A 523 1.39 -13.27 32.28
#